data_4Z9A
#
_entry.id   4Z9A
#
_cell.length_a   32.750
_cell.length_b   55.230
_cell.length_c   97.800
_cell.angle_alpha   90.00
_cell.angle_beta   90.00
_cell.angle_gamma   90.00
#
_symmetry.space_group_name_H-M   'P 21 21 21'
#
loop_
_entity.id
_entity.type
_entity.pdbx_description
1 polymer 'Low molecular weight phosphotyrosine protein phosphatase'
2 non-polymer GLYCEROL
3 non-polymer 'SULFATE ION'
4 non-polymer 'phenylmethanesulfonic acid'
5 water water
#
_entity_poly.entity_id   1
_entity_poly.type   'polypeptide(L)'
_entity_poly.pdbx_seq_one_letter_code
;GSHMEFMAEQATKSVLFVCLGNICRSPIAEAVFRKLVTDQNISENWRVDSAATSGYEIGNPPDYRGQSCMKRHGIPMSHV
ARQITKEDFATFDYILCMDESNLRDLNRKSNQVKTCKAKIELLGSYDPQKQLIIEDPYYGNDSDFETVYQQCVRCCRAFL
EKAH
;
_entity_poly.pdbx_strand_id   A
#
# COMPACT_ATOMS: atom_id res chain seq x y z
N ALA A 11 -0.91 -7.29 -17.71
CA ALA A 11 -1.79 -7.04 -16.54
C ALA A 11 -2.94 -6.22 -16.99
N THR A 12 -4.13 -6.59 -16.54
CA THR A 12 -5.27 -5.72 -16.70
C THR A 12 -5.91 -5.41 -15.35
N LYS A 13 -5.30 -5.82 -14.23
CA LYS A 13 -5.71 -5.27 -12.93
C LYS A 13 -4.56 -4.54 -12.26
N SER A 14 -4.89 -3.53 -11.45
CA SER A 14 -3.83 -2.69 -10.88
C SER A 14 -4.25 -2.05 -9.57
N VAL A 15 -3.28 -2.07 -8.64
CA VAL A 15 -3.46 -1.49 -7.30
C VAL A 15 -2.19 -0.73 -6.88
N LEU A 16 -2.41 0.47 -6.34
CA LEU A 16 -1.35 1.36 -5.84
C LEU A 16 -1.60 1.59 -4.33
N PHE A 17 -0.66 1.17 -3.49
CA PHE A 17 -0.82 1.36 -2.05
C PHE A 17 -0.07 2.66 -1.70
N VAL A 18 -0.67 3.46 -0.81
CA VAL A 18 -0.23 4.81 -0.60
C VAL A 18 -0.17 5.15 0.86
N CYS A 19 0.94 5.78 1.24
CA CYS A 19 1.06 6.35 2.56
C CYS A 19 1.73 7.75 2.40
N LEU A 20 2.09 8.37 3.52
CA LEU A 20 2.61 9.71 3.48
C LEU A 20 4.03 9.74 2.94
N GLY A 21 4.85 8.80 3.40
CA GLY A 21 6.28 8.80 3.01
C GLY A 21 6.73 7.73 2.02
N ASN A 22 5.97 6.62 1.96
CA ASN A 22 6.25 5.45 1.12
C ASN A 22 7.56 4.78 1.59
N ILE A 23 7.74 4.73 2.91
CA ILE A 23 8.84 4.00 3.51
C ILE A 23 8.41 3.00 4.62
N CYS A 24 7.32 3.21 5.34
CA CYS A 24 6.92 2.26 6.40
C CYS A 24 5.76 1.36 5.92
N ARG A 25 4.62 1.92 5.63
CA ARG A 25 3.44 1.10 5.49
C ARG A 25 3.19 0.60 4.07
N SER A 26 3.18 1.51 3.10
CA SER A 26 2.79 1.17 1.73
C SER A 26 3.77 0.22 1.03
N PRO A 27 5.06 0.24 1.41
CA PRO A 27 5.91 -0.77 0.81
C PRO A 27 5.70 -2.16 1.36
N ILE A 28 5.24 -2.23 2.61
CA ILE A 28 4.87 -3.50 3.15
C ILE A 28 3.57 -4.00 2.48
N ALA A 29 2.51 -3.20 2.45
CA ALA A 29 1.28 -3.67 1.80
C ALA A 29 1.60 -4.11 0.34
N GLU A 30 2.44 -3.33 -0.37
CA GLU A 30 2.78 -3.67 -1.75
C GLU A 30 3.42 -5.05 -1.86
N ALA A 31 4.38 -5.30 -0.99
CA ALA A 31 5.13 -6.54 -1.02
C ALA A 31 4.27 -7.74 -0.58
N VAL A 32 3.41 -7.52 0.40
CA VAL A 32 2.53 -8.54 0.87
C VAL A 32 1.55 -8.94 -0.26
N PHE A 33 1.03 -7.98 -1.02
CA PHE A 33 0.10 -8.24 -2.08
C PHE A 33 0.74 -8.96 -3.29
N ARG A 34 1.94 -8.50 -3.67
CA ARG A 34 2.74 -9.15 -4.70
C ARG A 34 3.06 -10.63 -4.40
N LYS A 35 3.41 -10.96 -3.16
CA LYS A 35 3.65 -12.32 -2.80
C LYS A 35 2.37 -13.15 -2.96
N LEU A 36 1.28 -12.64 -2.39
CA LEU A 36 -0.03 -13.23 -2.46
C LEU A 36 -0.35 -13.64 -3.88
N VAL A 37 -0.32 -12.69 -4.83
CA VAL A 37 -0.68 -12.97 -6.20
C VAL A 37 0.32 -13.87 -6.89
N THR A 38 1.59 -13.76 -6.51
CA THR A 38 2.63 -14.64 -7.06
C THR A 38 2.39 -16.09 -6.64
N ASP A 39 2.09 -16.28 -5.38
CA ASP A 39 1.81 -17.59 -4.82
C ASP A 39 0.61 -18.31 -5.46
N GLN A 40 -0.36 -17.52 -5.95
CA GLN A 40 -1.54 -18.04 -6.60
C GLN A 40 -1.49 -17.99 -8.13
N ASN A 41 -0.29 -17.79 -8.69
CA ASN A 41 -0.08 -17.88 -10.12
C ASN A 41 -0.64 -16.75 -10.92
N ILE A 42 -1.07 -15.66 -10.27
CA ILE A 42 -1.69 -14.57 -10.99
C ILE A 42 -0.93 -13.23 -11.01
N SER A 43 0.37 -13.25 -10.68
CA SER A 43 1.19 -12.02 -10.72
C SER A 43 1.18 -11.32 -12.09
N GLU A 44 1.29 -12.11 -13.16
CA GLU A 44 1.18 -11.56 -14.52
C GLU A 44 -0.14 -10.83 -14.76
N ASN A 45 -1.17 -11.08 -13.97
CA ASN A 45 -2.42 -10.36 -14.19
C ASN A 45 -2.54 -9.06 -13.46
N TRP A 46 -1.59 -8.77 -12.57
CA TRP A 46 -1.67 -7.61 -11.70
C TRP A 46 -0.44 -6.72 -11.84
N ARG A 47 -0.71 -5.44 -11.98
CA ARG A 47 0.26 -4.35 -11.76
C ARG A 47 0.16 -3.87 -10.31
N VAL A 48 1.28 -3.93 -9.59
CA VAL A 48 1.29 -3.69 -8.13
C VAL A 48 2.37 -2.66 -7.84
N ASP A 49 2.09 -1.62 -7.06
CA ASP A 49 3.10 -0.61 -6.76
C ASP A 49 2.70 0.19 -5.53
N SER A 50 3.57 1.08 -5.07
CA SER A 50 3.32 1.90 -3.90
C SER A 50 3.88 3.30 -4.08
N ALA A 51 3.28 4.27 -3.39
CA ALA A 51 3.74 5.63 -3.55
C ALA A 51 3.33 6.49 -2.35
N ALA A 52 3.94 7.66 -2.27
CA ALA A 52 3.77 8.64 -1.21
C ALA A 52 2.83 9.76 -1.60
N THR A 53 2.16 10.37 -0.63
CA THR A 53 1.43 11.62 -0.90
C THR A 53 2.44 12.79 -0.90
N SER A 54 3.56 12.61 -0.20
CA SER A 54 4.52 13.70 -0.02
C SER A 54 5.84 13.36 -0.61
N GLY A 55 6.69 14.40 -0.70
CA GLY A 55 8.04 14.24 -1.25
C GLY A 55 9.13 14.05 -0.20
N TYR A 56 8.74 13.87 1.06
CA TYR A 56 9.74 13.74 2.11
C TYR A 56 10.85 12.69 1.85
N GLU A 57 10.49 11.55 1.29
CA GLU A 57 11.38 10.38 1.29
C GLU A 57 11.78 9.85 -0.11
N ILE A 58 11.53 10.69 -1.12
CA ILE A 58 11.75 10.34 -2.50
C ILE A 58 13.14 9.83 -2.69
N GLY A 59 13.26 8.60 -3.19
CA GLY A 59 14.60 8.04 -3.43
C GLY A 59 15.05 7.07 -2.36
N ASN A 60 14.36 7.02 -1.24
CA ASN A 60 14.78 6.18 -0.09
C ASN A 60 14.15 4.82 -0.12
N PRO A 61 14.92 3.81 0.31
CA PRO A 61 14.37 2.48 0.45
C PRO A 61 13.46 2.43 1.67
N PRO A 62 12.73 1.33 1.85
CA PRO A 62 11.86 1.21 2.99
C PRO A 62 12.58 1.35 4.30
N ASP A 63 11.89 1.85 5.31
CA ASP A 63 12.37 1.86 6.70
C ASP A 63 12.97 0.52 7.04
N TYR A 64 14.18 0.54 7.57
CA TYR A 64 14.93 -0.68 7.86
C TYR A 64 14.20 -1.59 8.89
N ARG A 65 13.53 -0.99 9.84
CA ARG A 65 12.66 -1.72 10.76
C ARG A 65 11.59 -2.52 10.00
N GLY A 66 11.08 -1.95 8.90
CA GLY A 66 10.20 -2.66 8.01
C GLY A 66 10.82 -3.84 7.30
N GLN A 67 12.03 -3.68 6.74
CA GLN A 67 12.76 -4.80 6.12
C GLN A 67 12.99 -5.94 7.10
N SER A 68 13.39 -5.59 8.31
CA SER A 68 13.62 -6.59 9.32
C SER A 68 12.39 -7.40 9.58
N CYS A 69 11.24 -6.74 9.68
CA CYS A 69 9.98 -7.45 9.93
C CYS A 69 9.65 -8.36 8.76
N MET A 70 9.88 -7.89 7.55
CA MET A 70 9.51 -8.65 6.37
C MET A 70 10.47 -9.82 6.11
N LYS A 71 11.73 -9.66 6.49
CA LYS A 71 12.66 -10.81 6.53
C LYS A 71 12.18 -11.90 7.51
N ARG A 72 11.69 -11.51 8.70
CA ARG A 72 11.13 -12.49 9.62
C ARG A 72 10.08 -13.31 8.90
N HIS A 73 9.21 -12.66 8.14
CA HIS A 73 8.16 -13.39 7.47
C HIS A 73 8.49 -13.88 6.09
N GLY A 74 9.75 -13.76 5.68
CA GLY A 74 10.17 -14.20 4.36
C GLY A 74 9.44 -13.54 3.19
N ILE A 75 9.21 -12.22 3.27
CA ILE A 75 8.58 -11.50 2.15
C ILE A 75 9.62 -10.55 1.60
N PRO A 76 10.07 -10.74 0.34
CA PRO A 76 11.10 -9.83 -0.18
C PRO A 76 10.55 -8.40 -0.29
N MET A 77 11.38 -7.39 -0.03
CA MET A 77 10.91 -5.99 -0.23
C MET A 77 12.01 -5.16 -0.87
N SER A 78 11.79 -4.81 -2.15
CA SER A 78 12.66 -3.94 -2.91
CA SER A 78 12.66 -3.95 -2.94
C SER A 78 11.81 -2.75 -3.36
N HIS A 79 12.14 -1.55 -2.95
CA HIS A 79 11.35 -0.39 -3.40
C HIS A 79 12.19 0.86 -3.24
N VAL A 80 11.92 1.83 -4.09
CA VAL A 80 12.51 3.17 -4.03
C VAL A 80 11.30 4.11 -3.87
N ALA A 81 11.29 4.88 -2.80
CA ALA A 81 10.17 5.75 -2.52
C ALA A 81 9.94 6.72 -3.67
N ARG A 82 8.66 6.88 -4.01
CA ARG A 82 8.27 7.88 -4.96
C ARG A 82 6.95 8.54 -4.58
N GLN A 83 6.70 9.72 -5.10
CA GLN A 83 5.48 10.45 -4.89
C GLN A 83 4.48 10.16 -6.00
N ILE A 84 3.23 10.01 -5.60
CA ILE A 84 2.12 9.79 -6.52
C ILE A 84 2.11 10.92 -7.55
N THR A 85 1.67 10.61 -8.78
CA THR A 85 1.58 11.54 -9.89
C THR A 85 0.13 11.58 -10.38
N LYS A 86 -0.13 12.59 -11.18
CA LYS A 86 -1.40 12.79 -11.87
C LYS A 86 -1.82 11.56 -12.67
N GLU A 87 -0.87 10.99 -13.41
CA GLU A 87 -1.01 9.75 -14.17
C GLU A 87 -1.52 8.58 -13.32
N ASP A 88 -1.04 8.44 -12.07
CA ASP A 88 -1.50 7.35 -11.25
C ASP A 88 -3.03 7.29 -11.08
N PHE A 89 -3.67 8.43 -11.00
CA PHE A 89 -5.15 8.43 -10.87
C PHE A 89 -5.90 7.93 -12.12
N ALA A 90 -5.24 8.01 -13.28
CA ALA A 90 -5.78 7.49 -14.56
C ALA A 90 -5.50 6.05 -14.79
N THR A 91 -4.34 5.60 -14.33
CA THR A 91 -3.94 4.30 -14.71
C THR A 91 -4.32 3.20 -13.72
N PHE A 92 -4.46 3.50 -12.43
CA PHE A 92 -4.72 2.44 -11.48
C PHE A 92 -6.24 2.25 -11.25
N ASP A 93 -6.61 0.97 -11.06
CA ASP A 93 -7.98 0.60 -10.74
C ASP A 93 -8.31 0.94 -9.28
N TYR A 94 -7.32 0.82 -8.39
CA TYR A 94 -7.52 0.98 -6.92
C TYR A 94 -6.37 1.74 -6.28
N ILE A 95 -6.67 2.71 -5.43
CA ILE A 95 -5.65 3.37 -4.66
C ILE A 95 -6.08 3.17 -3.22
N LEU A 96 -5.26 2.43 -2.47
CA LEU A 96 -5.59 1.92 -1.17
C LEU A 96 -4.60 2.55 -0.20
N CYS A 97 -5.13 3.33 0.70
CA CYS A 97 -4.27 4.08 1.59
C CYS A 97 -4.42 3.62 3.04
N MET A 98 -3.59 4.18 3.89
CA MET A 98 -3.39 3.69 5.20
C MET A 98 -4.26 4.37 6.21
N ASP A 99 -4.38 5.69 6.20
CA ASP A 99 -5.11 6.37 7.28
C ASP A 99 -5.95 7.51 6.74
N GLU A 100 -6.72 8.16 7.59
CA GLU A 100 -7.68 9.19 7.12
C GLU A 100 -6.98 10.43 6.47
N SER A 101 -5.80 10.75 7.01
CA SER A 101 -4.98 11.82 6.51
C SER A 101 -4.55 11.56 5.05
N ASN A 102 -4.04 10.37 4.77
CA ASN A 102 -3.78 9.95 3.37
C ASN A 102 -5.02 10.15 2.49
N LEU A 103 -6.16 9.72 3.03
CA LEU A 103 -7.39 9.76 2.23
C LEU A 103 -7.84 11.18 1.86
N ARG A 104 -7.75 12.11 2.82
CA ARG A 104 -8.07 13.53 2.58
C ARG A 104 -7.17 14.12 1.49
N ASP A 105 -5.87 13.81 1.60
CA ASP A 105 -4.82 14.24 0.71
C ASP A 105 -5.07 13.61 -0.66
N LEU A 106 -5.34 12.32 -0.73
CA LEU A 106 -5.62 11.70 -2.04
C LEU A 106 -6.92 12.22 -2.72
N ASN A 107 -7.96 12.48 -1.96
CA ASN A 107 -9.18 13.07 -2.56
C ASN A 107 -8.90 14.47 -3.06
N ARG A 108 -8.04 15.18 -2.33
CA ARG A 108 -7.70 16.52 -2.77
C ARG A 108 -6.99 16.46 -4.13
N LYS A 109 -5.93 15.69 -4.19
CA LYS A 109 -5.21 15.46 -5.43
C LYS A 109 -6.09 14.88 -6.54
N SER A 110 -7.06 14.03 -6.20
CA SER A 110 -7.88 13.43 -7.28
C SER A 110 -8.74 14.47 -7.95
N ASN A 111 -9.08 15.55 -7.23
CA ASN A 111 -9.92 16.62 -7.82
C ASN A 111 -9.19 17.65 -8.68
N GLN A 112 -7.86 17.56 -8.73
CA GLN A 112 -7.06 18.40 -9.59
C GLN A 112 -6.77 17.75 -10.97
N VAL A 113 -7.36 16.59 -11.26
CA VAL A 113 -7.12 15.87 -12.52
C VAL A 113 -8.43 15.54 -13.20
N LYS A 114 -8.42 15.38 -14.52
CA LYS A 114 -9.67 15.10 -15.25
C LYS A 114 -10.08 13.63 -15.12
N THR A 115 -9.12 12.74 -15.32
CA THR A 115 -9.40 11.34 -15.35
C THR A 115 -8.92 10.71 -14.06
N CYS A 116 -9.89 10.37 -13.21
CA CYS A 116 -9.67 9.57 -12.06
C CYS A 116 -10.46 8.26 -12.23
N LYS A 117 -9.79 7.25 -12.71
CA LYS A 117 -10.36 5.93 -12.85
C LYS A 117 -10.31 5.18 -11.55
N ALA A 118 -9.32 5.50 -10.71
CA ALA A 118 -9.08 4.80 -9.46
C ALA A 118 -10.19 4.96 -8.46
N LYS A 119 -10.60 3.87 -7.82
CA LYS A 119 -11.30 3.95 -6.53
C LYS A 119 -10.31 4.17 -5.43
N ILE A 120 -10.51 5.25 -4.68
CA ILE A 120 -9.64 5.64 -3.62
C ILE A 120 -10.29 5.22 -2.29
N GLU A 121 -9.67 4.30 -1.55
CA GLU A 121 -10.26 3.70 -0.32
C GLU A 121 -9.16 3.42 0.68
N LEU A 122 -9.54 3.33 1.94
CA LEU A 122 -8.66 2.81 2.95
C LEU A 122 -8.48 1.33 2.79
N LEU A 123 -7.23 0.90 2.92
CA LEU A 123 -6.91 -0.50 2.81
C LEU A 123 -7.61 -1.28 3.93
N GLY A 124 -7.68 -0.67 5.11
CA GLY A 124 -8.26 -1.34 6.25
C GLY A 124 -9.78 -1.51 6.22
N SER A 125 -10.45 -0.85 5.27
CA SER A 125 -11.84 -1.12 5.02
C SER A 125 -12.07 -2.56 4.57
N TYR A 126 -11.00 -3.29 4.26
CA TYR A 126 -11.12 -4.70 3.85
C TYR A 126 -10.87 -5.69 4.98
N ASP A 127 -10.56 -5.20 6.19
CA ASP A 127 -10.12 -6.11 7.26
C ASP A 127 -11.31 -6.85 7.83
N PRO A 128 -11.25 -8.20 7.90
CA PRO A 128 -12.33 -8.88 8.59
C PRO A 128 -12.34 -8.56 10.09
N GLN A 129 -11.16 -8.47 10.73
CA GLN A 129 -11.09 -7.97 12.11
C GLN A 129 -11.41 -6.47 12.29
N LYS A 130 -11.98 -5.83 11.27
CA LYS A 130 -12.37 -4.39 11.28
C LYS A 130 -11.40 -3.31 11.88
N GLN A 131 -10.08 -3.55 11.76
CA GLN A 131 -9.07 -2.54 12.13
C GLN A 131 -8.92 -1.54 10.97
N LEU A 132 -9.75 -0.50 11.01
CA LEU A 132 -9.93 0.45 9.91
C LEU A 132 -8.64 1.20 9.49
N ILE A 133 -7.93 1.74 10.49
CA ILE A 133 -6.74 2.54 10.27
C ILE A 133 -5.47 1.71 10.41
N ILE A 134 -4.64 1.71 9.38
CA ILE A 134 -3.25 1.24 9.53
C ILE A 134 -2.36 2.46 9.96
N GLU A 135 -2.00 2.46 11.23
CA GLU A 135 -1.33 3.56 11.88
C GLU A 135 0.14 3.61 11.56
N ASP A 136 0.67 4.83 11.52
CA ASP A 136 2.05 5.03 11.18
C ASP A 136 2.91 4.49 12.33
N PRO A 137 3.82 3.55 12.04
CA PRO A 137 4.76 2.98 13.01
C PRO A 137 6.05 3.76 13.15
N TYR A 138 6.20 4.87 12.43
CA TYR A 138 7.48 5.59 12.41
C TYR A 138 8.06 5.87 13.80
N TYR A 139 7.24 6.47 14.68
CA TYR A 139 7.62 6.71 16.08
C TYR A 139 7.29 5.54 16.99
N GLY A 140 7.06 4.35 16.45
CA GLY A 140 6.82 3.20 17.30
C GLY A 140 8.07 2.32 17.38
N ASN A 141 7.83 1.02 17.57
CA ASN A 141 8.92 0.03 17.60
C ASN A 141 8.53 -1.22 16.75
N ASP A 142 9.14 -2.38 17.00
CA ASP A 142 8.97 -3.58 16.14
C ASP A 142 7.62 -4.25 16.28
N SER A 143 7.06 -4.23 17.48
CA SER A 143 5.69 -4.69 17.65
C SER A 143 4.70 -3.91 16.76
N ASP A 144 4.94 -2.62 16.50
CA ASP A 144 4.03 -1.81 15.62
C ASP A 144 4.20 -2.16 14.13
N PHE A 145 5.43 -2.38 13.70
CA PHE A 145 5.70 -2.86 12.37
C PHE A 145 5.02 -4.20 12.21
N GLU A 146 5.18 -5.09 13.18
CA GLU A 146 4.43 -6.35 13.17
C GLU A 146 2.92 -6.15 13.05
N THR A 147 2.36 -5.22 13.80
CA THR A 147 0.92 -4.98 13.70
C THR A 147 0.52 -4.56 12.28
N VAL A 148 1.33 -3.65 11.69
CA VAL A 148 1.12 -3.21 10.31
C VAL A 148 1.26 -4.38 9.35
N TYR A 149 2.25 -5.25 9.52
CA TYR A 149 2.37 -6.39 8.61
C TYR A 149 1.11 -7.25 8.65
N GLN A 150 0.65 -7.55 9.87
CA GLN A 150 -0.53 -8.40 10.08
C GLN A 150 -1.77 -7.78 9.48
N GLN A 151 -1.98 -6.49 9.71
CA GLN A 151 -3.14 -5.84 9.08
C GLN A 151 -3.08 -5.97 7.59
N CYS A 152 -1.88 -5.82 7.03
CA CYS A 152 -1.74 -5.84 5.57
C CYS A 152 -2.10 -7.19 5.01
N VAL A 153 -1.72 -8.24 5.72
CA VAL A 153 -2.02 -9.61 5.28
C VAL A 153 -3.53 -9.82 5.23
N ARG A 154 -4.22 -9.42 6.30
CA ARG A 154 -5.68 -9.59 6.39
C ARG A 154 -6.37 -8.78 5.34
N CYS A 155 -5.98 -7.52 5.14
CA CYS A 155 -6.67 -6.66 4.17
C CYS A 155 -6.38 -6.97 2.72
N CYS A 156 -5.17 -7.45 2.44
CA CYS A 156 -4.76 -7.84 1.08
C CYS A 156 -5.38 -9.17 0.64
N ARG A 157 -5.52 -10.15 1.55
CA ARG A 157 -6.24 -11.41 1.26
CA ARG A 157 -6.22 -11.41 1.22
C ARG A 157 -7.69 -11.12 0.90
N ALA A 158 -8.29 -10.21 1.68
CA ALA A 158 -9.68 -9.82 1.49
C ALA A 158 -9.89 -9.02 0.20
N PHE A 159 -9.03 -8.02 -0.02
CA PHE A 159 -9.13 -7.19 -1.19
C PHE A 159 -8.99 -8.01 -2.45
N LEU A 160 -8.06 -8.96 -2.39
CA LEU A 160 -7.83 -9.87 -3.50
C LEU A 160 -9.07 -10.75 -3.69
N GLU A 161 -9.58 -11.31 -2.60
CA GLU A 161 -10.75 -12.16 -2.66
C GLU A 161 -11.86 -11.43 -3.40
N LYS A 162 -12.14 -10.19 -3.03
CA LYS A 162 -13.27 -9.48 -3.61
C LYS A 162 -13.16 -7.97 -3.37
N ALA A 163 -12.89 -7.24 -4.44
CA ALA A 163 -12.85 -5.77 -4.38
C ALA A 163 -14.23 -5.14 -4.11
N HIS A 164 -14.28 -3.99 -3.41
CA HIS A 164 -15.47 -3.11 -3.45
C HIS A 164 -15.17 -1.78 -4.16
#